data_4H2D
#
_entry.id   4H2D
#
_cell.length_a   80.450
_cell.length_b   80.450
_cell.length_c   101.480
_cell.angle_alpha   90.00
_cell.angle_beta   90.00
_cell.angle_gamma   90.00
#
_symmetry.space_group_name_H-M   'P 43 21 2'
#
loop_
_entity.id
_entity.type
_entity.pdbx_description
1 polymer 'NADPH-dependent diflavin oxidoreductase 1'
2 non-polymer 'FLAVIN MONONUCLEOTIDE'
3 water water
#
_entity_poly.entity_id   1
_entity_poly.type   'polypeptide(L)'
_entity_poly.pdbx_seq_one_letter_code
;GSFTMPSPQLLVLFGSQTGTAQDVSERLGREARRRRLGCRVQALDSYPVVNLINEPLVIFVCATTGQGDPPDNMKNFWRF
IFRKNLPSTALCQMDFAVLGLGDSSYAKFNFVAKKLHRRLLQLGGSALLPVCLGDDQHELGPDAAVDPWLRDLWDRVLGL
YPPPP
;
_entity_poly.pdbx_strand_id   A,B
#
# COMPACT_ATOMS: atom_id res chain seq x y z
N PRO A 8 -15.26 1.17 -9.30
CA PRO A 8 -14.82 2.14 -8.38
C PRO A 8 -13.78 1.79 -7.32
N GLN A 9 -12.94 2.76 -7.20
CA GLN A 9 -11.51 2.80 -6.93
C GLN A 9 -11.06 4.05 -6.23
N LEU A 10 -10.08 3.76 -5.42
CA LEU A 10 -9.41 4.77 -4.62
C LEU A 10 -7.89 4.66 -4.82
N LEU A 11 -7.19 5.78 -4.98
CA LEU A 11 -5.71 5.80 -5.00
C LEU A 11 -5.23 6.43 -3.71
N VAL A 12 -4.29 5.78 -3.02
CA VAL A 12 -3.70 6.36 -1.79
C VAL A 12 -2.21 6.51 -2.02
N LEU A 13 -1.71 7.77 -1.99
CA LEU A 13 -0.29 8.03 -2.22
C LEU A 13 0.27 8.66 -0.96
N PHE A 14 1.47 8.23 -0.57
CA PHE A 14 2.04 8.70 0.70
C PHE A 14 3.45 9.27 0.61
N GLY A 15 3.76 10.12 1.59
CA GLY A 15 5.10 10.62 1.77
C GLY A 15 5.36 10.38 3.24
N SER A 16 6.40 9.60 3.52
CA SER A 16 6.63 9.09 4.88
C SER A 16 8.12 8.93 5.12
N GLN A 17 8.61 9.49 6.23
CA GLN A 17 10.03 9.42 6.56
C GLN A 17 10.33 8.31 7.57
N THR A 18 9.46 8.15 8.57
CA THR A 18 9.67 7.14 9.61
C THR A 18 8.55 6.11 9.66
N GLY A 19 7.74 6.03 8.62
CA GLY A 19 6.79 4.93 8.50
C GLY A 19 5.35 5.21 8.93
N THR A 20 5.10 6.30 9.65
CA THR A 20 3.75 6.57 10.17
C THR A 20 2.75 6.82 9.03
N ALA A 21 3.06 7.74 8.13
CA ALA A 21 2.17 8.02 7.00
C ALA A 21 1.98 6.79 6.11
N GLN A 22 3.03 5.98 5.94
CA GLN A 22 2.86 4.70 5.25
C GLN A 22 1.88 3.79 6.00
N ASP A 23 2.01 3.71 7.32
CA ASP A 23 1.15 2.81 8.10
C ASP A 23 -0.31 3.27 7.98
N VAL A 24 -0.51 4.58 8.03
CA VAL A 24 -1.86 5.16 7.88
C VAL A 24 -2.42 4.82 6.50
N SER A 25 -1.56 4.85 5.48
CA SER A 25 -1.98 4.49 4.12
C SER A 25 -2.37 3.02 4.03
N GLU A 26 -1.61 2.17 4.72
CA GLU A 26 -1.92 0.75 4.82
C GLU A 26 -3.31 0.55 5.46
N ARG A 27 -3.59 1.33 6.49
CA ARG A 27 -4.92 1.33 7.13
C ARG A 27 -6.04 1.75 6.15
N LEU A 28 -5.82 2.82 5.41
CA LEU A 28 -6.78 3.22 4.37
C LEU A 28 -7.05 2.11 3.38
N GLY A 29 -6.00 1.36 3.02
CA GLY A 29 -6.16 0.20 2.13
C GLY A 29 -7.07 -0.88 2.74
N ARG A 30 -6.86 -1.15 4.03
CA ARG A 30 -7.72 -2.10 4.76
C ARG A 30 -9.16 -1.64 4.81
N GLU A 31 -9.35 -0.34 5.05
CA GLU A 31 -10.70 0.23 5.18
C GLU A 31 -11.41 0.29 3.83
N ALA A 32 -10.64 0.55 2.76
CA ALA A 32 -11.17 0.46 1.40
C ALA A 32 -11.67 -0.95 1.07
N ARG A 33 -10.88 -1.97 1.43
CA ARG A 33 -11.25 -3.36 1.19
C ARG A 33 -12.56 -3.73 1.90
N ARG A 34 -12.70 -3.29 3.14
CA ARG A 34 -13.93 -3.53 3.92
C ARG A 34 -15.15 -2.90 3.27
N ARG A 35 -14.93 -1.83 2.50
CA ARG A 35 -16.00 -1.10 1.83
C ARG A 35 -16.14 -1.51 0.39
N ARG A 36 -15.41 -2.57 0.02
CA ARG A 36 -15.48 -3.19 -1.30
C ARG A 36 -15.08 -2.23 -2.42
N LEU A 37 -14.11 -1.39 -2.11
CA LEU A 37 -13.55 -0.46 -3.08
C LEU A 37 -12.17 -0.94 -3.45
N GLY A 38 -11.87 -0.97 -4.74
CA GLY A 38 -10.51 -1.23 -5.21
C GLY A 38 -9.62 -0.09 -4.73
N CYS A 39 -8.36 -0.41 -4.44
CA CYS A 39 -7.46 0.57 -3.84
C CYS A 39 -6.02 0.25 -4.20
N ARG A 40 -5.29 1.27 -4.62
CA ARG A 40 -3.85 1.12 -4.83
C ARG A 40 -3.18 2.00 -3.78
N VAL A 41 -2.16 1.47 -3.14
CA VAL A 41 -1.37 2.22 -2.16
C VAL A 41 0.07 2.22 -2.66
N GLN A 42 0.64 3.42 -2.80
CA GLN A 42 2.01 3.58 -3.32
C GLN A 42 2.64 4.88 -2.81
N ALA A 43 3.97 4.87 -2.69
CA ALA A 43 4.73 6.07 -2.29
C ALA A 43 4.69 7.09 -3.42
N LEU A 44 4.65 8.36 -3.05
CA LEU A 44 4.47 9.44 -4.02
C LEU A 44 5.56 9.47 -5.10
N ASP A 45 6.81 9.26 -4.70
CA ASP A 45 7.89 9.28 -5.71
C ASP A 45 7.94 8.09 -6.67
N SER A 46 7.16 7.04 -6.36
CA SER A 46 7.11 5.87 -7.24
C SER A 46 5.91 5.85 -8.17
N TYR A 47 4.86 6.59 -7.81
CA TYR A 47 3.69 6.66 -8.68
C TYR A 47 3.99 7.57 -9.88
N PRO A 48 3.59 7.17 -11.12
CA PRO A 48 3.82 7.99 -12.33
C PRO A 48 2.95 9.26 -12.30
N VAL A 49 3.56 10.37 -11.93
CA VAL A 49 2.80 11.55 -11.52
C VAL A 49 1.96 12.17 -12.65
N VAL A 50 2.33 11.87 -13.89
CA VAL A 50 1.58 12.30 -15.08
C VAL A 50 0.18 11.69 -15.10
N ASN A 51 0.07 10.50 -14.52
CA ASN A 51 -1.17 9.77 -14.44
C ASN A 51 -2.19 10.43 -13.51
N LEU A 52 -1.76 11.41 -12.72
CA LEU A 52 -2.66 12.06 -11.77
C LEU A 52 -3.76 12.84 -12.45
N ILE A 53 -3.51 13.39 -13.63
CA ILE A 53 -4.57 14.15 -14.29
C ILE A 53 -5.69 13.22 -14.78
N ASN A 54 -5.45 11.91 -14.65
CA ASN A 54 -6.44 10.89 -14.99
C ASN A 54 -7.11 10.21 -13.80
N GLU A 55 -6.68 10.56 -12.59
CA GLU A 55 -7.20 9.88 -11.40
C GLU A 55 -8.39 10.64 -10.85
N PRO A 56 -9.54 9.98 -10.72
CA PRO A 56 -10.71 10.70 -10.21
C PRO A 56 -10.74 10.89 -8.69
N LEU A 57 -9.99 10.09 -7.93
CA LEU A 57 -10.08 10.08 -6.46
C LEU A 57 -8.77 9.70 -5.79
N VAL A 58 -8.13 10.67 -5.16
CA VAL A 58 -6.82 10.44 -4.61
C VAL A 58 -6.75 10.99 -3.19
N ILE A 59 -6.28 10.16 -2.27
CA ILE A 59 -5.94 10.61 -0.93
C ILE A 59 -4.43 10.71 -0.86
N PHE A 60 -3.94 11.82 -0.29
CA PHE A 60 -2.51 12.03 -0.20
C PHE A 60 -2.23 12.01 1.29
N VAL A 61 -1.31 11.15 1.73
CA VAL A 61 -1.02 10.99 3.15
C VAL A 61 0.41 11.41 3.35
N CYS A 62 0.62 12.57 4.01
CA CYS A 62 1.94 13.21 3.94
C CYS A 62 2.38 13.70 5.28
N ALA A 63 3.53 13.21 5.69
CA ALA A 63 4.20 13.67 6.92
C ALA A 63 4.98 14.96 6.67
N THR A 64 5.21 15.71 7.74
CA THR A 64 6.12 16.85 7.71
C THR A 64 7.37 16.47 8.50
N THR A 65 8.54 16.56 7.86
CA THR A 65 9.78 16.15 8.48
C THR A 65 10.63 17.36 8.91
N GLY A 66 11.91 17.12 9.21
CA GLY A 66 12.78 18.18 9.74
C GLY A 66 12.69 19.48 8.97
N GLN A 67 12.63 20.59 9.71
CA GLN A 67 12.59 21.94 9.14
C GLN A 67 11.37 22.16 8.21
N GLY A 68 10.34 21.35 8.41
CA GLY A 68 9.10 21.50 7.66
C GLY A 68 9.15 20.90 6.28
N ASP A 69 10.18 20.11 5.99
CA ASP A 69 10.39 19.59 4.64
C ASP A 69 9.60 18.31 4.33
N PRO A 70 9.33 18.05 3.04
CA PRO A 70 8.71 16.76 2.73
C PRO A 70 9.65 15.57 2.97
N PRO A 71 9.10 14.42 3.38
CA PRO A 71 9.88 13.17 3.40
C PRO A 71 10.59 12.87 2.08
N ASP A 72 11.70 12.12 2.18
CA ASP A 72 12.51 11.79 1.03
C ASP A 72 11.72 11.16 -0.10
N ASN A 73 10.78 10.29 0.24
CA ASN A 73 10.02 9.54 -0.77
C ASN A 73 8.83 10.29 -1.40
N MET A 74 8.75 11.60 -1.16
CA MET A 74 7.86 12.48 -1.90
C MET A 74 8.56 13.75 -2.43
N LYS A 75 9.88 13.77 -2.41
CA LYS A 75 10.65 14.95 -2.82
C LYS A 75 10.57 15.23 -4.31
N ASN A 76 10.65 14.17 -5.13
CA ASN A 76 10.56 14.34 -6.58
C ASN A 76 9.16 14.78 -6.97
N PHE A 77 8.17 14.18 -6.31
CA PHE A 77 6.78 14.61 -6.45
C PHE A 77 6.60 16.09 -6.10
N TRP A 78 7.20 16.52 -4.99
CA TRP A 78 7.08 17.90 -4.53
C TRP A 78 7.63 18.85 -5.55
N ARG A 79 8.78 18.49 -6.12
CA ARG A 79 9.40 19.31 -7.15
C ARG A 79 8.49 19.38 -8.38
N PHE A 80 7.91 18.24 -8.76
CA PHE A 80 7.02 18.19 -9.91
C PHE A 80 5.74 19.00 -9.72
N ILE A 81 5.07 18.79 -8.59
CA ILE A 81 3.74 19.37 -8.40
C ILE A 81 3.78 20.90 -8.25
N PHE A 82 4.92 21.44 -7.84
CA PHE A 82 5.07 22.89 -7.67
C PHE A 82 5.72 23.59 -8.87
N ARG A 83 5.72 22.92 -10.03
CA ARG A 83 6.19 23.52 -11.28
C ARG A 83 5.32 24.72 -11.61
N LYS A 84 5.97 25.86 -11.87
CA LYS A 84 5.29 27.15 -12.05
C LYS A 84 4.20 27.16 -13.11
N ASN A 85 4.43 26.51 -14.24
CA ASN A 85 3.50 26.65 -15.34
C ASN A 85 2.52 25.48 -15.52
N LEU A 86 2.29 24.70 -14.46
CA LEU A 86 1.23 23.70 -14.54
C LEU A 86 -0.10 24.43 -14.65
N PRO A 87 -0.97 24.00 -15.57
CA PRO A 87 -2.24 24.69 -15.76
C PRO A 87 -3.12 24.62 -14.51
N SER A 88 -3.85 25.69 -14.26
CA SER A 88 -4.75 25.76 -13.11
C SER A 88 -5.90 24.78 -13.27
N THR A 89 -5.97 24.16 -14.45
CA THR A 89 -7.05 23.30 -14.88
C THR A 89 -6.63 21.81 -14.87
N ALA A 90 -5.35 21.56 -14.59
CA ALA A 90 -4.75 20.23 -14.70
C ALA A 90 -5.49 19.12 -13.97
N LEU A 91 -6.03 19.45 -12.80
CA LEU A 91 -6.62 18.46 -11.90
C LEU A 91 -8.13 18.65 -11.72
N CYS A 92 -8.77 19.27 -12.70
CA CYS A 92 -10.22 19.51 -12.67
C CYS A 92 -11.08 18.27 -12.47
N GLN A 93 -10.58 17.12 -12.93
CA GLN A 93 -11.30 15.85 -12.81
C GLN A 93 -11.07 15.14 -11.47
N MET A 94 -10.25 15.74 -10.60
CA MET A 94 -9.84 15.05 -9.37
C MET A 94 -10.57 15.50 -8.10
N ASP A 95 -11.13 14.53 -7.39
CA ASP A 95 -11.51 14.73 -6.00
C ASP A 95 -10.33 14.25 -5.16
N PHE A 96 -9.92 15.05 -4.17
CA PHE A 96 -8.78 14.67 -3.35
C PHE A 96 -9.04 14.99 -1.89
N ALA A 97 -8.26 14.37 -1.02
CA ALA A 97 -8.14 14.83 0.37
C ALA A 97 -6.70 14.62 0.82
N VAL A 98 -6.25 15.47 1.74
CA VAL A 98 -4.88 15.41 2.19
C VAL A 98 -4.89 15.14 3.70
N LEU A 99 -4.21 14.06 4.07
CA LEU A 99 -4.16 13.61 5.44
C LEU A 99 -2.75 13.91 5.92
N GLY A 100 -2.63 14.89 6.82
CA GLY A 100 -1.30 15.28 7.31
C GLY A 100 -0.89 14.62 8.61
N LEU A 101 0.38 14.23 8.70
CA LEU A 101 0.95 13.79 9.96
C LEU A 101 2.05 14.75 10.39
N GLY A 102 1.92 15.26 11.62
CA GLY A 102 2.82 16.29 12.11
C GLY A 102 2.88 16.31 13.61
N ASP A 103 3.39 17.41 14.15
CA ASP A 103 3.57 17.56 15.60
C ASP A 103 3.52 19.04 15.91
N SER A 104 2.50 19.41 16.69
CA SER A 104 2.22 20.77 17.14
C SER A 104 3.35 21.47 17.89
N SER A 105 4.32 20.68 18.36
CA SER A 105 5.56 21.18 18.98
C SER A 105 6.38 22.05 18.04
N TYR A 106 6.28 21.76 16.75
CA TYR A 106 7.17 22.39 15.76
C TYR A 106 6.55 23.66 15.19
N ALA A 107 7.40 24.59 14.78
CA ALA A 107 6.95 25.87 14.23
C ALA A 107 6.14 25.67 12.95
N LYS A 108 6.56 24.71 12.14
CA LYS A 108 5.90 24.45 10.85
C LYS A 108 5.02 23.20 10.95
N PHE A 109 3.92 23.33 11.70
CA PHE A 109 3.02 22.22 12.02
C PHE A 109 2.26 21.76 10.78
N ASN A 110 2.48 20.51 10.37
CA ASN A 110 1.80 19.94 9.19
C ASN A 110 1.92 20.80 7.94
N PHE A 111 3.05 21.50 7.79
CA PHE A 111 3.24 22.40 6.63
C PHE A 111 3.18 21.66 5.30
N VAL A 112 3.70 20.44 5.23
CA VAL A 112 3.66 19.67 3.96
C VAL A 112 2.22 19.43 3.52
N ALA A 113 1.40 18.88 4.41
CA ALA A 113 -0.01 18.62 4.06
C ALA A 113 -0.76 19.92 3.73
N LYS A 114 -0.55 20.96 4.52
CA LYS A 114 -1.21 22.26 4.31
C LYS A 114 -0.87 22.84 2.94
N LYS A 115 0.43 22.79 2.60
CA LYS A 115 0.88 23.35 1.33
C LYS A 115 0.36 22.52 0.17
N LEU A 116 0.32 21.21 0.35
CA LEU A 116 -0.13 20.32 -0.71
C LEU A 116 -1.60 20.52 -1.02
N HIS A 117 -2.39 20.66 0.03
CA HIS A 117 -3.82 20.89 -0.13
C HIS A 117 -4.07 22.14 -0.94
N ARG A 118 -3.44 23.24 -0.53
CA ARG A 118 -3.57 24.50 -1.25
C ARG A 118 -3.15 24.39 -2.71
N ARG A 119 -2.05 23.68 -2.98
CA ARG A 119 -1.55 23.52 -4.34
C ARG A 119 -2.51 22.74 -5.22
N LEU A 120 -3.07 21.66 -4.68
CA LEU A 120 -4.00 20.84 -5.46
C LEU A 120 -5.26 21.63 -5.82
N LEU A 121 -5.66 22.53 -4.92
CA LEU A 121 -6.75 23.49 -5.19
C LEU A 121 -6.38 24.44 -6.32
N GLN A 122 -5.15 24.93 -6.29
CA GLN A 122 -4.62 25.82 -7.35
C GLN A 122 -4.63 25.15 -8.73
N LEU A 123 -4.47 23.82 -8.74
CA LEU A 123 -4.46 23.06 -9.98
C LEU A 123 -5.83 22.55 -10.40
N GLY A 124 -6.89 23.05 -9.74
CA GLY A 124 -8.26 22.73 -10.13
C GLY A 124 -8.87 21.51 -9.45
N GLY A 125 -8.13 20.89 -8.53
CA GLY A 125 -8.65 19.74 -7.76
C GLY A 125 -9.80 20.17 -6.86
N SER A 126 -10.69 19.24 -6.54
CA SER A 126 -11.79 19.53 -5.62
C SER A 126 -11.53 18.79 -4.31
N ALA A 127 -11.33 19.54 -3.23
CA ALA A 127 -11.09 18.93 -1.92
C ALA A 127 -12.36 18.33 -1.35
N LEU A 128 -12.27 17.11 -0.82
CA LEU A 128 -13.40 16.44 -0.17
C LEU A 128 -13.54 16.84 1.30
N LEU A 129 -12.40 17.16 1.91
CA LEU A 129 -12.31 17.47 3.34
C LEU A 129 -11.22 18.51 3.55
N PRO A 130 -11.24 19.23 4.68
CA PRO A 130 -10.07 20.04 5.06
C PRO A 130 -8.90 19.10 5.30
N VAL A 131 -7.69 19.65 5.32
CA VAL A 131 -6.51 18.83 5.62
C VAL A 131 -6.64 18.23 7.02
N CYS A 132 -6.34 16.94 7.14
CA CYS A 132 -6.27 16.30 8.46
C CYS A 132 -5.02 16.73 9.21
N LEU A 133 -5.18 17.19 10.45
CA LEU A 133 -4.03 17.65 11.23
C LEU A 133 -3.59 16.63 12.28
N GLY A 134 -3.04 15.51 11.80
CA GLY A 134 -2.52 14.46 12.70
C GLY A 134 -1.44 15.08 13.58
N ASP A 135 -1.51 14.82 14.87
CA ASP A 135 -0.65 15.53 15.81
C ASP A 135 -0.11 14.62 16.91
N ASP A 136 1.20 14.36 16.86
CA ASP A 136 1.92 13.58 17.87
C ASP A 136 1.75 14.14 19.28
N GLN A 137 1.49 15.45 19.39
CA GLN A 137 1.32 16.09 20.71
C GLN A 137 0.06 15.60 21.45
N HIS A 138 -0.92 15.11 20.70
CA HIS A 138 -2.11 14.57 21.36
C HIS A 138 -1.77 13.37 22.20
N GLU A 139 -2.48 13.24 23.32
CA GLU A 139 -2.41 12.07 24.18
C GLU A 139 -2.48 10.76 23.40
N LEU A 140 -3.39 10.72 22.43
CA LEU A 140 -3.61 9.54 21.59
C LEU A 140 -2.80 9.54 20.31
N GLY A 141 -1.92 10.53 20.13
CA GLY A 141 -1.12 10.63 18.91
C GLY A 141 -1.98 11.05 17.72
N PRO A 142 -1.49 10.78 16.50
CA PRO A 142 -2.19 11.27 15.31
C PRO A 142 -3.60 10.69 15.14
N ASP A 143 -3.86 9.53 15.73
CA ASP A 143 -5.19 8.93 15.66
C ASP A 143 -6.32 9.83 16.16
N ALA A 144 -6.01 10.73 17.10
CA ALA A 144 -7.01 11.67 17.60
C ALA A 144 -7.64 12.49 16.46
N ALA A 145 -6.82 12.98 15.54
CA ALA A 145 -7.31 13.70 14.38
C ALA A 145 -7.67 12.74 13.24
N VAL A 146 -6.87 11.68 13.07
CA VAL A 146 -7.09 10.75 11.94
C VAL A 146 -8.42 10.00 12.00
N ASP A 147 -8.79 9.50 13.18
CA ASP A 147 -10.02 8.72 13.30
C ASP A 147 -11.30 9.46 12.83
N PRO A 148 -11.59 10.66 13.38
CA PRO A 148 -12.81 11.35 12.93
C PRO A 148 -12.74 11.79 11.47
N TRP A 149 -11.54 12.12 11.00
CA TRP A 149 -11.32 12.51 9.62
C TRP A 149 -11.65 11.40 8.66
N LEU A 150 -11.12 10.20 8.94
CA LEU A 150 -11.40 9.00 8.15
C LEU A 150 -12.89 8.66 8.14
N ARG A 151 -13.53 8.81 9.30
CA ARG A 151 -15.00 8.64 9.34
C ARG A 151 -15.69 9.57 8.34
N ASP A 152 -15.27 10.83 8.32
CA ASP A 152 -15.81 11.83 7.40
C ASP A 152 -15.49 11.51 5.93
N LEU A 153 -14.28 11.05 5.68
CA LEU A 153 -13.86 10.68 4.34
C LEU A 153 -14.74 9.59 3.75
N TRP A 154 -14.93 8.51 4.50
CA TRP A 154 -15.74 7.41 4.01
C TRP A 154 -17.17 7.77 3.71
N ASP A 155 -17.73 8.65 4.51
CA ASP A 155 -19.07 9.17 4.22
C ASP A 155 -19.11 9.93 2.90
N ARG A 156 -18.06 10.68 2.61
CA ARG A 156 -18.00 11.43 1.35
C ARG A 156 -17.70 10.51 0.17
N VAL A 157 -16.81 9.54 0.37
CA VAL A 157 -16.48 8.57 -0.67
C VAL A 157 -17.69 7.75 -1.09
N LEU A 158 -18.54 7.39 -0.13
CA LEU A 158 -19.71 6.60 -0.45
C LEU A 158 -20.80 7.45 -1.11
N GLY A 159 -20.63 8.77 -1.04
CA GLY A 159 -21.37 9.70 -1.90
C GLY A 159 -20.92 9.58 -3.34
N LEU A 160 -19.60 9.46 -3.54
CA LEU A 160 -19.04 9.29 -4.88
C LEU A 160 -19.40 7.91 -5.46
N TYR A 161 -19.35 6.89 -4.61
CA TYR A 161 -19.57 5.51 -5.00
C TYR A 161 -20.70 4.87 -4.18
N PRO A 162 -21.96 5.15 -4.56
CA PRO A 162 -23.13 4.68 -3.80
C PRO A 162 -23.29 3.15 -3.81
N PRO A 163 -24.05 2.61 -2.83
CA PRO A 163 -24.41 1.19 -2.79
C PRO A 163 -25.33 0.82 -3.97
N PRO A 164 -25.53 -0.50 -4.23
CA PRO A 164 -26.42 -0.99 -5.29
C PRO A 164 -27.77 -0.26 -5.50
N PRO A 165 -28.53 0.01 -4.42
CA PRO A 165 -29.77 0.76 -4.65
C PRO A 165 -29.51 2.26 -4.82
N PRO B 8 -0.70 -10.68 -20.56
CA PRO B 8 -0.79 -10.83 -19.10
C PRO B 8 -0.49 -12.25 -18.66
N GLN B 9 0.41 -11.70 -17.58
CA GLN B 9 1.49 -12.44 -16.93
C GLN B 9 1.54 -12.20 -15.41
N LEU B 10 1.54 -13.28 -14.64
CA LEU B 10 1.59 -13.20 -13.19
C LEU B 10 2.77 -14.00 -12.64
N LEU B 11 3.44 -13.46 -11.63
CA LEU B 11 4.50 -14.19 -10.94
C LEU B 11 4.12 -14.45 -9.48
N VAL B 12 4.19 -15.72 -9.08
CA VAL B 12 3.91 -16.09 -7.70
C VAL B 12 5.17 -16.63 -7.04
N LEU B 13 5.59 -15.97 -5.97
CA LEU B 13 6.81 -16.32 -5.26
C LEU B 13 6.49 -16.70 -3.83
N PHE B 14 7.02 -17.83 -3.37
CA PHE B 14 6.66 -18.32 -2.05
C PHE B 14 7.80 -18.57 -1.07
N GLY B 15 7.47 -18.48 0.20
CA GLY B 15 8.31 -18.88 1.32
C GLY B 15 7.48 -19.87 2.12
N SER B 16 7.97 -21.10 2.19
CA SER B 16 7.22 -22.22 2.73
C SER B 16 8.15 -23.15 3.49
N GLN B 17 7.81 -23.48 4.73
CA GLN B 17 8.64 -24.36 5.54
C GLN B 17 8.12 -25.80 5.54
N THR B 18 6.81 -25.97 5.67
CA THR B 18 6.24 -27.31 5.68
C THR B 18 5.20 -27.51 4.57
N GLY B 19 5.24 -26.67 3.54
CA GLY B 19 4.53 -26.93 2.28
C GLY B 19 3.21 -26.23 2.04
N THR B 20 2.61 -25.66 3.09
CA THR B 20 1.29 -25.05 2.99
C THR B 20 1.32 -23.86 2.03
N ALA B 21 2.30 -22.97 2.23
CA ALA B 21 2.47 -21.81 1.34
C ALA B 21 2.76 -22.21 -0.11
N GLN B 22 3.57 -23.26 -0.30
CA GLN B 22 3.80 -23.82 -1.63
C GLN B 22 2.50 -24.30 -2.28
N ASP B 23 1.73 -25.07 -1.52
CA ASP B 23 0.43 -25.56 -1.98
C ASP B 23 -0.54 -24.43 -2.34
N VAL B 24 -0.61 -23.42 -1.49
CA VAL B 24 -1.42 -22.23 -1.75
C VAL B 24 -0.97 -21.50 -3.02
N SER B 25 0.34 -21.41 -3.23
CA SER B 25 0.92 -20.79 -4.42
C SER B 25 0.60 -21.57 -5.69
N GLU B 26 0.74 -22.90 -5.61
CA GLU B 26 0.41 -23.75 -6.75
C GLU B 26 -1.09 -23.67 -7.07
N ARG B 27 -1.91 -23.57 -6.04
CA ARG B 27 -3.35 -23.32 -6.18
C ARG B 27 -3.59 -22.00 -6.92
N LEU B 28 -2.86 -20.95 -6.52
CA LEU B 28 -2.93 -19.65 -7.16
C LEU B 28 -2.54 -19.76 -8.65
N GLY B 29 -1.47 -20.50 -8.92
CA GLY B 29 -1.01 -20.74 -10.29
C GLY B 29 -2.05 -21.41 -11.16
N ARG B 30 -2.74 -22.41 -10.61
CA ARG B 30 -3.77 -23.12 -11.36
C ARG B 30 -4.98 -22.20 -11.62
N GLU B 31 -5.38 -21.44 -10.61
CA GLU B 31 -6.45 -20.43 -10.72
C GLU B 31 -6.12 -19.34 -11.74
N ALA B 32 -4.85 -18.97 -11.81
CA ALA B 32 -4.40 -17.96 -12.77
C ALA B 32 -4.49 -18.49 -14.20
N ARG B 33 -4.00 -19.71 -14.40
CA ARG B 33 -4.00 -20.33 -15.72
C ARG B 33 -5.42 -20.53 -16.24
N ARG B 34 -6.35 -20.88 -15.35
CA ARG B 34 -7.77 -21.03 -15.70
C ARG B 34 -8.42 -19.73 -16.21
N ARG B 35 -7.92 -18.59 -15.74
CA ARG B 35 -8.39 -17.28 -16.22
C ARG B 35 -7.53 -16.78 -17.39
N ARG B 36 -7.00 -17.74 -18.15
CA ARG B 36 -6.06 -17.52 -19.26
C ARG B 36 -4.92 -16.51 -19.03
N LEU B 37 -4.36 -16.56 -17.83
CA LEU B 37 -3.20 -15.75 -17.47
C LEU B 37 -1.97 -16.64 -17.36
N GLY B 38 -0.90 -16.26 -18.03
CA GLY B 38 0.40 -16.93 -17.86
C GLY B 38 0.84 -16.74 -16.43
N CYS B 39 1.33 -17.82 -15.81
CA CYS B 39 1.73 -17.77 -14.40
C CYS B 39 2.95 -18.64 -14.11
N ARG B 40 3.92 -18.04 -13.43
CA ARG B 40 5.08 -18.77 -12.93
C ARG B 40 4.99 -18.82 -11.41
N VAL B 41 5.27 -20.00 -10.86
CA VAL B 41 5.25 -20.21 -9.43
C VAL B 41 6.62 -20.78 -9.03
N GLN B 42 7.27 -20.16 -8.06
CA GLN B 42 8.54 -20.68 -7.55
C GLN B 42 8.89 -20.16 -6.18
N ALA B 43 9.77 -20.88 -5.48
CA ALA B 43 10.26 -20.46 -4.18
C ALA B 43 11.08 -19.17 -4.32
N LEU B 44 10.92 -18.28 -3.34
CA LEU B 44 11.61 -16.98 -3.36
C LEU B 44 13.10 -17.11 -3.60
N ASP B 45 13.73 -18.09 -2.96
CA ASP B 45 15.19 -18.22 -3.08
C ASP B 45 15.64 -18.87 -4.39
N SER B 46 14.69 -19.35 -5.19
CA SER B 46 15.04 -19.90 -6.51
C SER B 46 14.96 -18.83 -7.59
N TYR B 47 14.55 -17.64 -7.18
CA TYR B 47 14.34 -16.54 -8.12
C TYR B 47 15.48 -15.53 -8.02
N PRO B 48 16.05 -15.12 -9.16
CA PRO B 48 17.12 -14.11 -9.10
C PRO B 48 16.55 -12.75 -8.72
N VAL B 49 16.72 -12.40 -7.44
CA VAL B 49 16.02 -11.30 -6.79
C VAL B 49 16.19 -9.96 -7.50
N VAL B 50 17.31 -9.80 -8.19
CA VAL B 50 17.60 -8.56 -8.88
C VAL B 50 16.63 -8.31 -10.04
N ASN B 51 16.05 -9.38 -10.58
CA ASN B 51 15.14 -9.25 -11.69
C ASN B 51 13.77 -8.74 -11.29
N LEU B 52 13.53 -8.58 -9.99
CA LEU B 52 12.24 -8.06 -9.52
C LEU B 52 11.94 -6.66 -10.08
N ILE B 53 13.01 -5.95 -10.43
CA ILE B 53 12.89 -4.58 -10.95
C ILE B 53 12.16 -4.54 -12.30
N ASN B 54 12.08 -5.70 -12.95
CA ASN B 54 11.45 -5.84 -14.26
C ASN B 54 10.12 -6.59 -14.23
N GLU B 55 9.63 -6.87 -13.02
CA GLU B 55 8.40 -7.63 -12.85
C GLU B 55 7.21 -6.69 -12.61
N PRO B 56 6.19 -6.74 -13.51
CA PRO B 56 5.02 -5.85 -13.33
C PRO B 56 4.00 -6.30 -12.29
N LEU B 57 3.96 -7.60 -12.01
CA LEU B 57 2.89 -8.17 -11.19
C LEU B 57 3.34 -9.41 -10.42
N VAL B 58 3.54 -9.25 -9.12
CA VAL B 58 4.02 -10.34 -8.28
C VAL B 58 3.16 -10.54 -7.04
N ILE B 59 2.81 -11.79 -6.77
CA ILE B 59 2.15 -12.18 -5.54
C ILE B 59 3.14 -12.94 -4.68
N PHE B 60 3.34 -12.46 -3.46
CA PHE B 60 4.22 -13.12 -2.52
C PHE B 60 3.38 -13.91 -1.53
N VAL B 61 3.71 -15.19 -1.39
CA VAL B 61 2.99 -16.08 -0.48
C VAL B 61 3.95 -16.58 0.59
N CYS B 62 3.82 -16.08 1.81
CA CYS B 62 4.84 -16.28 2.83
C CYS B 62 4.32 -16.72 4.18
N ALA B 63 4.86 -17.85 4.67
CA ALA B 63 4.55 -18.33 6.00
C ALA B 63 5.49 -17.70 7.03
N THR B 64 5.08 -17.70 8.29
CA THR B 64 5.95 -17.34 9.40
C THR B 64 6.37 -18.61 10.17
N THR B 65 7.68 -18.80 10.36
CA THR B 65 8.22 -19.97 11.08
C THR B 65 8.60 -19.60 12.52
N GLY B 66 9.25 -20.55 13.20
CA GLY B 66 9.78 -20.41 14.56
C GLY B 66 9.53 -19.14 15.35
N GLN B 67 10.54 -18.28 15.40
CA GLN B 67 10.50 -17.08 16.24
C GLN B 67 10.14 -15.87 15.37
N GLY B 68 9.19 -16.07 14.46
CA GLY B 68 8.84 -15.04 13.50
C GLY B 68 9.81 -15.03 12.33
N ASP B 69 10.57 -16.12 12.18
CA ASP B 69 11.57 -16.23 11.12
C ASP B 69 10.95 -16.57 9.76
N PRO B 70 11.52 -16.03 8.66
CA PRO B 70 11.10 -16.51 7.34
C PRO B 70 11.54 -17.96 7.11
N PRO B 71 10.77 -18.72 6.30
CA PRO B 71 11.15 -20.07 5.94
C PRO B 71 12.51 -20.10 5.27
N ASP B 72 13.21 -21.23 5.37
CA ASP B 72 14.55 -21.39 4.79
C ASP B 72 14.62 -21.00 3.32
N ASN B 73 13.61 -21.41 2.54
CA ASN B 73 13.60 -21.13 1.10
C ASN B 73 13.25 -19.68 0.72
N MET B 74 13.24 -18.78 1.71
CA MET B 74 13.16 -17.34 1.43
C MET B 74 14.15 -16.51 2.24
N LYS B 75 15.09 -17.18 2.93
CA LYS B 75 16.10 -16.50 3.75
C LYS B 75 17.07 -15.60 2.97
N ASN B 76 17.55 -16.06 1.82
CA ASN B 76 18.42 -15.23 0.97
C ASN B 76 17.66 -14.02 0.42
N PHE B 77 16.41 -14.24 0.01
CA PHE B 77 15.54 -13.16 -0.46
C PHE B 77 15.39 -12.10 0.62
N TRP B 78 15.16 -12.58 1.85
CA TRP B 78 14.94 -11.73 3.02
C TRP B 78 16.13 -10.84 3.28
N ARG B 79 17.32 -11.44 3.25
CA ARG B 79 18.58 -10.71 3.38
C ARG B 79 18.70 -9.59 2.34
N PHE B 80 18.42 -9.92 1.08
CA PHE B 80 18.59 -8.96 -0.01
C PHE B 80 17.60 -7.80 0.08
N ILE B 81 16.33 -8.13 0.29
CA ILE B 81 15.24 -7.16 0.18
C ILE B 81 15.32 -6.10 1.29
N PHE B 82 15.95 -6.46 2.42
CA PHE B 82 16.09 -5.57 3.57
C PHE B 82 17.46 -4.85 3.64
N ARG B 83 18.27 -5.00 2.60
CA ARG B 83 19.46 -4.17 2.41
C ARG B 83 19.05 -2.68 2.51
N LYS B 84 19.64 -1.97 3.47
CA LYS B 84 19.17 -0.63 3.87
C LYS B 84 19.36 0.49 2.83
N ASN B 85 20.32 0.33 1.93
CA ASN B 85 20.62 1.39 0.96
C ASN B 85 19.87 1.32 -0.36
N LEU B 86 18.92 0.39 -0.48
CA LEU B 86 18.04 0.31 -1.66
C LEU B 86 17.18 1.58 -1.77
N PRO B 87 17.02 2.12 -3.00
CA PRO B 87 16.27 3.37 -3.10
C PRO B 87 14.79 3.10 -2.90
N SER B 88 14.04 4.14 -2.50
CA SER B 88 12.59 3.99 -2.27
C SER B 88 11.83 3.70 -3.55
N THR B 89 12.49 3.86 -4.70
CA THR B 89 11.81 3.69 -5.99
C THR B 89 12.21 2.41 -6.72
N ALA B 90 12.96 1.54 -6.02
CA ALA B 90 13.50 0.30 -6.60
C ALA B 90 12.50 -0.56 -7.37
N LEU B 91 11.28 -0.64 -6.86
CA LEU B 91 10.23 -1.51 -7.41
C LEU B 91 9.00 -0.70 -7.82
N CYS B 92 9.23 0.49 -8.38
CA CYS B 92 8.13 1.42 -8.68
C CYS B 92 7.17 0.86 -9.73
N GLN B 93 7.69 -0.05 -10.56
CA GLN B 93 6.88 -0.66 -11.62
C GLN B 93 6.02 -1.84 -11.13
N MET B 94 6.24 -2.30 -9.90
CA MET B 94 5.65 -3.55 -9.46
C MET B 94 4.32 -3.39 -8.73
N ASP B 95 3.27 -3.94 -9.33
CA ASP B 95 2.00 -4.16 -8.64
C ASP B 95 2.18 -5.44 -7.84
N PHE B 96 1.80 -5.43 -6.57
CA PHE B 96 2.04 -6.61 -5.73
C PHE B 96 0.95 -6.83 -4.68
N ALA B 97 0.93 -8.05 -4.15
CA ALA B 97 0.07 -8.40 -3.02
C ALA B 97 0.80 -9.44 -2.21
N VAL B 98 0.56 -9.45 -0.90
CA VAL B 98 1.21 -10.39 0.00
C VAL B 98 0.16 -11.25 0.69
N LEU B 99 0.36 -12.56 0.59
CA LEU B 99 -0.53 -13.55 1.19
C LEU B 99 0.22 -14.24 2.33
N GLY B 100 -0.20 -13.96 3.56
CA GLY B 100 0.46 -14.47 4.73
C GLY B 100 -0.21 -15.69 5.34
N LEU B 101 0.60 -16.67 5.70
CA LEU B 101 0.14 -17.85 6.41
C LEU B 101 0.76 -17.87 7.80
N GLY B 102 -0.08 -17.91 8.83
CA GLY B 102 0.41 -17.87 10.20
C GLY B 102 -0.58 -18.47 11.18
N ASP B 103 -0.44 -18.09 12.44
CA ASP B 103 -1.25 -18.64 13.52
C ASP B 103 -1.23 -17.66 14.69
N SER B 104 -2.39 -17.09 15.01
CA SER B 104 -2.49 -16.02 16.01
C SER B 104 -2.18 -16.45 17.46
N SER B 105 -1.90 -17.75 17.66
CA SER B 105 -1.43 -18.25 18.96
C SER B 105 -0.04 -17.74 19.29
N TYR B 106 0.74 -17.49 18.25
CA TYR B 106 2.13 -17.06 18.39
C TYR B 106 2.23 -15.55 18.58
N ALA B 107 3.19 -15.12 19.38
CA ALA B 107 3.44 -13.70 19.63
C ALA B 107 3.69 -12.94 18.33
N LYS B 108 4.41 -13.59 17.41
CA LYS B 108 4.79 -12.96 16.15
C LYS B 108 3.88 -13.45 15.02
N PHE B 109 2.61 -13.07 15.09
CA PHE B 109 1.59 -13.56 14.17
C PHE B 109 1.78 -12.96 12.77
N ASN B 110 1.97 -13.83 11.79
CA ASN B 110 2.15 -13.42 10.40
C ASN B 110 3.21 -12.32 10.22
N PHE B 111 4.21 -12.31 11.10
CA PHE B 111 5.25 -11.28 11.08
C PHE B 111 5.97 -11.19 9.74
N VAL B 112 6.18 -12.34 9.10
CA VAL B 112 6.90 -12.37 7.82
C VAL B 112 6.11 -11.63 6.73
N ALA B 113 4.84 -11.96 6.58
CA ALA B 113 3.99 -11.35 5.56
C ALA B 113 3.77 -9.87 5.84
N LYS B 114 3.47 -9.53 7.10
CA LYS B 114 3.32 -8.14 7.52
C LYS B 114 4.56 -7.30 7.24
N LYS B 115 5.73 -7.80 7.63
CA LYS B 115 6.98 -7.09 7.36
C LYS B 115 7.27 -6.95 5.87
N LEU B 116 6.95 -7.99 5.10
CA LEU B 116 7.18 -7.97 3.64
C LEU B 116 6.33 -6.91 2.94
N HIS B 117 5.04 -6.88 3.30
CA HIS B 117 4.13 -5.88 2.76
C HIS B 117 4.66 -4.49 3.02
N ARG B 118 5.08 -4.24 4.26
CA ARG B 118 5.60 -2.94 4.66
C ARG B 118 6.83 -2.61 3.83
N ARG B 119 7.69 -3.61 3.68
CA ARG B 119 8.96 -3.40 2.99
C ARG B 119 8.76 -3.15 1.49
N LEU B 120 7.83 -3.86 0.86
CA LEU B 120 7.62 -3.64 -0.57
C LEU B 120 7.05 -2.25 -0.85
N LEU B 121 6.26 -1.72 0.09
CA LEU B 121 5.82 -0.34 -0.04
C LEU B 121 6.99 0.64 0.13
N GLN B 122 7.89 0.33 1.06
CA GLN B 122 9.09 1.14 1.26
C GLN B 122 9.98 1.20 0.02
N LEU B 123 9.91 0.16 -0.80
CA LEU B 123 10.73 0.04 -2.01
C LEU B 123 9.99 0.48 -3.28
N GLY B 124 8.77 0.99 -3.10
CA GLY B 124 8.04 1.69 -4.14
C GLY B 124 7.01 0.87 -4.89
N GLY B 125 6.75 -0.35 -4.43
CA GLY B 125 5.76 -1.21 -5.08
C GLY B 125 4.37 -0.62 -4.83
N SER B 126 3.44 -0.96 -5.71
CA SER B 126 2.04 -0.53 -5.55
C SER B 126 1.23 -1.71 -5.02
N ALA B 127 0.73 -1.58 -3.79
CA ALA B 127 -0.11 -2.65 -3.20
C ALA B 127 -1.48 -2.76 -3.87
N LEU B 128 -1.83 -3.98 -4.25
CA LEU B 128 -3.15 -4.26 -4.87
C LEU B 128 -4.22 -4.55 -3.83
N LEU B 129 -3.81 -5.10 -2.69
CA LEU B 129 -4.70 -5.46 -1.59
C LEU B 129 -3.92 -5.36 -0.28
N PRO B 130 -4.61 -5.29 0.87
CA PRO B 130 -3.93 -5.43 2.15
C PRO B 130 -3.33 -6.83 2.27
N VAL B 131 -2.40 -7.00 3.21
CA VAL B 131 -1.78 -8.30 3.43
C VAL B 131 -2.84 -9.30 3.92
N CYS B 132 -2.81 -10.52 3.40
CA CYS B 132 -3.76 -11.54 3.84
C CYS B 132 -3.26 -12.21 5.10
N LEU B 133 -4.12 -12.32 6.11
CA LEU B 133 -3.72 -12.85 7.41
C LEU B 133 -4.22 -14.27 7.64
N GLY B 134 -3.72 -15.21 6.85
CA GLY B 134 -4.04 -16.64 7.01
C GLY B 134 -3.77 -17.09 8.44
N ASP B 135 -4.78 -17.69 9.06
CA ASP B 135 -4.70 -17.99 10.50
C ASP B 135 -5.16 -19.40 10.81
N ASP B 136 -4.21 -20.23 11.26
CA ASP B 136 -4.50 -21.60 11.67
C ASP B 136 -5.49 -21.69 12.82
N GLN B 137 -5.56 -20.64 13.63
CA GLN B 137 -6.49 -20.57 14.76
C GLN B 137 -7.97 -20.60 14.36
N HIS B 138 -8.29 -20.10 13.17
CA HIS B 138 -9.68 -20.10 12.69
C HIS B 138 -10.17 -21.51 12.53
N GLU B 139 -11.45 -21.73 12.81
CA GLU B 139 -12.06 -23.06 12.70
C GLU B 139 -11.95 -23.64 11.28
N LEU B 140 -11.99 -22.76 10.28
CA LEU B 140 -11.85 -23.16 8.88
C LEU B 140 -10.40 -23.07 8.39
N GLY B 141 -9.48 -22.82 9.31
CA GLY B 141 -8.06 -22.69 8.99
C GLY B 141 -7.71 -21.44 8.19
N PRO B 142 -6.55 -21.43 7.53
CA PRO B 142 -6.14 -20.26 6.73
C PRO B 142 -7.10 -19.93 5.59
N ASP B 143 -7.85 -20.92 5.10
CA ASP B 143 -8.85 -20.70 4.05
C ASP B 143 -9.89 -19.62 4.39
N ALA B 144 -10.16 -19.45 5.69
CA ALA B 144 -11.09 -18.43 6.15
C ALA B 144 -10.70 -17.03 5.68
N ALA B 145 -9.41 -16.73 5.72
CA ALA B 145 -8.89 -15.45 5.24
C ALA B 145 -8.51 -15.52 3.75
N VAL B 146 -7.95 -16.65 3.34
CA VAL B 146 -7.41 -16.79 1.97
C VAL B 146 -8.47 -16.77 0.87
N ASP B 147 -9.56 -17.53 1.05
CA ASP B 147 -10.59 -17.63 0.01
C ASP B 147 -11.22 -16.28 -0.40
N PRO B 148 -11.77 -15.50 0.58
CA PRO B 148 -12.30 -14.21 0.14
C PRO B 148 -11.21 -13.24 -0.35
N TRP B 149 -9.99 -13.39 0.17
CA TRP B 149 -8.85 -12.58 -0.28
C TRP B 149 -8.50 -12.89 -1.72
N LEU B 150 -8.45 -14.17 -2.08
CA LEU B 150 -8.24 -14.58 -3.47
C LEU B 150 -9.34 -14.10 -4.42
N ARG B 151 -10.59 -14.16 -3.98
CA ARG B 151 -11.70 -13.59 -4.75
C ARG B 151 -11.48 -12.10 -5.03
N ASP B 152 -11.12 -11.34 -4.00
CA ASP B 152 -10.80 -9.92 -4.16
C ASP B 152 -9.58 -9.71 -5.07
N LEU B 153 -8.61 -10.62 -5.01
CA LEU B 153 -7.41 -10.51 -5.84
C LEU B 153 -7.75 -10.56 -7.32
N TRP B 154 -8.52 -11.57 -7.72
CA TRP B 154 -8.91 -11.74 -9.12
C TRP B 154 -9.72 -10.59 -9.63
N ASP B 155 -10.61 -10.04 -8.80
CA ASP B 155 -11.36 -8.84 -9.15
C ASP B 155 -10.45 -7.66 -9.47
N ARG B 156 -9.41 -7.47 -8.64
CA ARG B 156 -8.48 -6.37 -8.87
C ARG B 156 -7.50 -6.66 -10.01
N VAL B 157 -6.98 -7.88 -10.08
CA VAL B 157 -5.99 -8.26 -11.09
C VAL B 157 -6.58 -8.31 -12.49
N LEU B 158 -7.77 -8.91 -12.63
CA LEU B 158 -8.44 -8.97 -13.92
C LEU B 158 -9.00 -7.61 -14.32
N GLY B 159 -9.08 -6.71 -13.35
CA GLY B 159 -9.46 -5.32 -13.58
C GLY B 159 -8.37 -4.50 -14.22
N LEU B 160 -7.12 -4.66 -13.75
CA LEU B 160 -5.96 -3.91 -14.25
C LEU B 160 -5.85 -3.91 -15.77
#